data_6N5O
#
_entry.id   6N5O
#
_cell.length_a   114.920
_cell.length_b   114.920
_cell.length_c   115.330
_cell.angle_alpha   90.000
_cell.angle_beta   90.000
_cell.angle_gamma   120.000
#
_symmetry.space_group_name_H-M   'P 31 2 1'
#
loop_
_entity.id
_entity.type
_entity.pdbx_description
1 polymer 'RNA (126-MER)'
2 non-polymer "(2R,3R,3aS,5R,7aR,9R,10R,10aS,12R,14aR)-2,9-bis(6-amino-9H-purin-9-yl)octahydro-2H,7H-difuro[3,2-d:3',2'-j][1,3,7,9,2,8 ]tetraoxadiphosphacyclododecine-3,5,10,12-tetrol 5,12-dioxide"
3 non-polymer 'MAGNESIUM ION'
4 non-polymer 'POTASSIUM ION'
5 non-polymer 'SULFATE ION'
6 water water
#
_entity_poly.entity_id   1
_entity_poly.type   'polyribonucleotide'
_entity_poly.pdbx_seq_one_letter_code
;(GTP)GUUGCCGAAUCCGAUCUGGCGGUACGGAGGAACCGCUUUUUGGGGUUAAUCUGCAGUGAAGCUGCAGUAGGGAUA
CCUUCUGUCCCGCACCCGACAGCUAACUCCGGAGGCAAUAAAGGAAGGAG
;
_entity_poly.pdbx_strand_id   A
#
loop_
_chem_comp.id
_chem_comp.type
_chem_comp.name
_chem_comp.formula
2BA non-polymer '(2R,3R,3aS,5R,7aR,9R,10R,10aS,12R,14aR)-2,9-bis(6-amino-9H-purin-9-yl)octahydro-2H,7H-difuro[3,2-d:3',2'-j][1,3,7,9,2,8 ]tetraoxadiphosphacyclododecine-3,5,10,12-tetrol 5,12-dioxide' 'C20 H24 N10 O12 P2'
A RNA linking ADENOSINE-5'-MONOPHOSPHATE 'C10 H14 N5 O7 P'
C RNA linking CYTIDINE-5'-MONOPHOSPHATE 'C9 H14 N3 O8 P'
G RNA linking GUANOSINE-5'-MONOPHOSPHATE 'C10 H14 N5 O8 P'
GTP non-polymer GUANOSINE-5'-TRIPHOSPHATE 'C10 H16 N5 O14 P3'
K non-polymer 'POTASSIUM ION' 'K 1'
MG non-polymer 'MAGNESIUM ION' 'Mg 2'
SO4 non-polymer 'SULFATE ION' 'O4 S -2'
U RNA linking URIDINE-5'-MONOPHOSPHATE 'C9 H13 N2 O9 P'
#
# COMPACT_ATOMS: atom_id res chain seq x y z
O3B GTP A 1 -14.07 4.02 2.17
PB GTP A 1 -13.64 3.65 0.66
O1B GTP A 1 -13.07 2.26 0.61
O2B GTP A 1 -12.69 4.68 0.09
O3A GTP A 1 -15.03 3.67 -0.15
PA GTP A 1 -15.07 3.52 -1.75
O1A GTP A 1 -14.66 2.10 -2.13
O2A GTP A 1 -16.47 3.85 -2.21
O5' GTP A 1 -14.01 4.59 -2.33
C5' GTP A 1 -14.15 5.02 -3.66
C4' GTP A 1 -12.85 5.46 -4.32
O4' GTP A 1 -11.71 5.27 -3.48
C3' GTP A 1 -12.57 4.62 -5.55
O3' GTP A 1 -13.24 5.14 -6.68
C2' GTP A 1 -11.07 4.75 -5.68
O2' GTP A 1 -10.77 6.01 -6.22
C1' GTP A 1 -10.63 4.76 -4.23
N9 GTP A 1 -10.44 3.34 -3.86
C8 GTP A 1 -11.06 2.70 -2.84
N7 GTP A 1 -10.62 1.42 -2.79
C5 GTP A 1 -9.72 1.25 -3.77
C6 GTP A 1 -8.98 0.16 -4.16
O6 GTP A 1 -9.11 -0.89 -3.54
N1 GTP A 1 -8.11 0.26 -5.22
C2 GTP A 1 -7.98 1.45 -5.89
N2 GTP A 1 -7.14 1.56 -6.92
N3 GTP A 1 -8.73 2.54 -5.50
C4 GTP A 1 -9.58 2.44 -4.46
P 2BA B . -3.36 -16.32 -1.03
O1P 2BA B . -4.13 -15.68 0.11
O2P 2BA B . -3.37 -17.83 -1.15
O5' 2BA B . -3.93 -15.75 -2.43
C5' 2BA B . -3.28 -16.21 -3.61
C4' 2BA B . -3.66 -15.37 -4.82
O4' 2BA B . -5.05 -15.50 -5.08
C3' 2BA B . -3.41 -13.89 -4.61
O3' 2BA B . -2.18 -13.53 -5.22
C2' 2BA B . -4.56 -13.21 -5.32
O2' 2BA B . -4.15 -12.91 -6.65
C1' 2BA B . -5.66 -14.26 -5.41
N9 2BA B . -6.74 -14.10 -4.42
C8 2BA B . -6.62 -14.25 -3.08
N7 2BA B . -7.81 -14.07 -2.47
C5 2BA B . -8.74 -13.81 -3.42
C6 2BA B . -10.19 -13.53 -3.45
N6 2BA B . -10.95 -13.48 -2.32
N1 2BA B . -10.75 -13.32 -4.65
C2 2BA B . -10.04 -13.36 -5.79
N3 2BA B . -8.73 -13.61 -5.83
C4 2BA B . -8.03 -13.84 -4.70
P1 2BA B . -1.20 -12.44 -4.51
O1P1 2BA B . -2.00 -11.17 -4.35
O2P1 2BA B . 0.10 -12.47 -5.26
O5'1 2BA B . -0.97 -13.06 -3.04
C5'1 2BA B . 0.22 -13.77 -2.74
C4'1 2BA B . 0.06 -14.43 -1.38
O4'1 2BA B . 0.77 -13.63 -0.43
C3'1 2BA B . -1.37 -14.53 -0.89
O3'1 2BA B . -1.82 -15.87 -1.02
C2'1 2BA B . -1.28 -14.18 0.58
O2'1 2BA B . -1.06 -15.40 1.30
C1'1 2BA B . -0.01 -13.38 0.74
N91 2BA B . -0.31 -11.92 0.85
C81 2BA B . -1.03 -11.20 -0.04
N71 2BA B . -1.16 -9.91 0.32
C51 2BA B . -0.50 -9.77 1.48
C61 2BA B . -0.24 -8.65 2.38
N61 2BA B . -0.75 -7.43 2.07
N11 2BA B . 0.50 -8.88 3.49
C21 2BA B . 0.98 -10.13 3.76
N31 2BA B . 0.77 -11.21 2.97
C41 2BA B . 0.05 -11.10 1.83
P 2BA C . 10.39 11.65 0.17
O1P 2BA C . 9.37 11.72 1.28
O2P 2BA C . 11.04 12.92 -0.32
O5' 2BA C . 11.61 10.71 0.63
C5' 2BA C . 12.62 10.54 -0.35
C4' 2BA C . 13.53 9.41 0.10
O4' 2BA C . 14.19 9.82 1.29
C3' 2BA C . 12.78 8.15 0.46
O3' 2BA C . 12.82 7.27 -0.64
C2' 2BA C . 13.56 7.58 1.62
O2' 2BA C . 14.52 6.66 1.09
C1' 2BA C . 14.33 8.74 2.20
N9 2BA C . 13.80 9.26 3.48
C8 2BA C . 12.66 9.94 3.63
N7 2BA C . 12.48 10.30 4.93
C5 2BA C . 13.54 9.87 5.63
C6 2BA C . 14.00 9.92 7.03
N6 2BA C . 13.24 10.52 8.00
N1 2BA C . 15.18 9.34 7.33
C2 2BA C . 15.92 8.73 6.39
N3 2BA C . 15.57 8.64 5.10
C4 2BA C . 14.42 9.19 4.66
P1 2BA C . 11.66 6.20 -0.88
O1P1 2BA C . 11.37 5.51 0.45
O2P1 2BA C . 12.07 5.45 -2.12
O5'1 2BA C . 10.39 7.11 -1.23
C5'1 2BA C . 10.34 7.81 -2.47
C4'1 2BA C . 9.21 8.83 -2.33
O4'1 2BA C . 7.97 8.12 -2.43
C3'1 2BA C . 9.18 9.55 -0.99
O3'1 2BA C . 9.80 10.83 -1.11
C2'1 2BA C . 7.71 9.72 -0.72
O2'1 2BA C . 7.33 11.00 -1.24
C1'1 2BA C . 7.00 8.67 -1.55
N91 2BA C . 6.44 7.58 -0.71
C81 2BA C . 7.15 6.76 0.08
N71 2BA C . 6.36 5.88 0.73
C51 2BA C . 5.10 6.13 0.35
C61 2BA C . 3.77 5.55 0.64
N61 2BA C . 3.66 4.54 1.51
N11 2BA C . 2.69 6.08 0.03
C21 2BA C . 2.81 7.12 -0.83
N31 2BA C . 3.99 7.69 -1.16
C41 2BA C . 5.15 7.24 -0.61
MG MG D . 10.57 14.28 12.62
MG MG E . 5.53 6.36 10.69
K K F . -12.10 7.67 -8.80
MG MG G . 14.51 17.40 16.16
MG MG H . -6.83 -5.85 3.24
S SO4 I . 1.66 15.74 20.01
O1 SO4 I . 1.55 14.30 20.29
O2 SO4 I . 0.87 16.08 18.84
O3 SO4 I . 1.17 16.52 21.15
O4 SO4 I . 3.06 16.08 19.78
#